data_8VTF
#
_entry.id   8VTF
#
_cell.length_a   51.762
_cell.length_b   71.242
_cell.length_c   107.769
_cell.angle_alpha   90.000
_cell.angle_beta   90.000
_cell.angle_gamma   90.000
#
_symmetry.space_group_name_H-M   'P 21 21 21'
#
loop_
_entity.id
_entity.type
_entity.pdbx_description
1 polymer 'Mitogen-activated protein kinase 10'
2 non-polymer (4P)-4-[6-fluoro-5-(2-methoxyanilino)-1H-indazol-1-yl]-N-(oxetan-3-yl)thiophene-2-carboxamide
3 water water
#
_entity_poly.entity_id   1
_entity_poly.type   'polypeptide(L)'
_entity_poly.pdbx_seq_one_letter_code
;MSLHFLYYCSEPTLDVKIAFCQGFDKQVDVSYIAKHYNMSKSKVDNQFYSVEVGDSTFTVLKRYQNLKPIGSGAQGIVCA
AYDAVLDRNVAIKKLSRPFQNQTHAKRAYRELVLMKCVNHKNIISLLNVFTPQKTLEEFQDVYLVMELMDANLCQVIQME
LDHERMSYLLYQMLCGIKHLHSAGIIHRDLKPSNIVVKSDCTLKILDFGLARTAGTSFMMTPYVVTRYYRAPEVILGMGY
KENVDIWSVGCIMGEMVRHKILFPGRDYIDQWNKVIEQLGTPCPEFMKKLQPTVRNYVENRPKYAGLTFPKLFPDSLFPA
DSEHNKLKASQARDLLSKMLVIDPAKRISVDDALQHPYINVWYDPAEVEAPPPQIYDKQLDEREHTIEEWKELIYKEVMN
SEEKTKNGVVKGQPSPSGAAVNSSESLPPSSSVNDISSMSTDQTLASDTDSSLEASAGPLGCCR
;
_entity_poly.pdbx_strand_id   A
#
# COMPACT_ATOMS: atom_id res chain seq x y z
N ASP A 45 14.05 35.91 11.80
CA ASP A 45 12.76 36.34 11.26
C ASP A 45 12.28 35.41 10.16
N ASN A 46 13.23 34.71 9.53
CA ASN A 46 12.88 33.71 8.54
C ASN A 46 12.15 32.56 9.22
N GLN A 47 10.90 32.33 8.82
CA GLN A 47 10.06 31.29 9.43
C GLN A 47 10.44 29.89 8.97
N PHE A 48 11.57 29.73 8.28
CA PHE A 48 12.06 28.43 7.86
C PHE A 48 13.52 28.27 8.25
N TYR A 49 13.98 27.02 8.28
CA TYR A 49 15.39 26.73 8.52
C TYR A 49 15.70 25.40 7.84
N SER A 50 16.98 25.22 7.50
CA SER A 50 17.43 24.10 6.69
C SER A 50 18.27 23.14 7.52
N VAL A 51 17.96 21.84 7.43
CA VAL A 51 18.73 20.78 8.06
C VAL A 51 19.15 19.80 6.97
N GLU A 52 20.34 19.23 7.13
CA GLU A 52 20.89 18.26 6.17
C GLU A 52 20.70 16.87 6.76
N VAL A 53 19.63 16.20 6.36
CA VAL A 53 19.33 14.84 6.79
C VAL A 53 19.83 13.90 5.69
N GLY A 54 20.91 13.18 5.98
CA GLY A 54 21.54 12.36 4.97
C GLY A 54 22.12 13.20 3.84
N ASP A 55 21.60 13.01 2.63
CA ASP A 55 22.01 13.82 1.49
C ASP A 55 20.97 14.87 1.11
N SER A 56 19.79 14.82 1.70
CA SER A 56 18.70 15.72 1.33
C SER A 56 18.63 16.91 2.29
N THR A 57 18.39 18.08 1.73
CA THR A 57 18.25 19.30 2.51
C THR A 57 16.78 19.47 2.92
N PHE A 58 16.52 19.43 4.21
CA PHE A 58 15.16 19.56 4.75
C PHE A 58 14.96 21.00 5.22
N THR A 59 14.24 21.78 4.44
CA THR A 59 13.88 23.15 4.79
C THR A 59 12.43 23.13 5.25
N VAL A 60 12.22 23.18 6.57
CA VAL A 60 10.89 23.06 7.15
C VAL A 60 10.61 24.29 8.01
N LEU A 61 9.34 24.42 8.40
CA LEU A 61 8.93 25.50 9.29
C LEU A 61 9.61 25.36 10.64
N LYS A 62 9.67 26.49 11.36
CA LYS A 62 10.32 26.50 12.68
C LYS A 62 9.54 25.72 13.72
N ARG A 63 8.28 25.39 13.45
CA ARG A 63 7.52 24.61 14.42
C ARG A 63 8.02 23.17 14.53
N TYR A 64 8.77 22.70 13.53
CA TYR A 64 9.25 21.32 13.49
C TYR A 64 10.72 21.28 13.88
N GLN A 65 11.03 20.58 14.96
CA GLN A 65 12.38 20.49 15.51
C GLN A 65 12.82 19.04 15.63
N ASN A 66 14.13 18.86 15.79
CA ASN A 66 14.75 17.55 16.04
C ASN A 66 14.43 16.58 14.91
N LEU A 67 14.79 16.98 13.69
CA LEU A 67 14.55 16.13 12.53
C LEU A 67 15.49 14.93 12.54
N LYS A 68 14.95 13.76 12.23
CA LYS A 68 15.70 12.52 12.21
C LYS A 68 15.15 11.64 11.10
N PRO A 69 16.00 10.95 10.34
CA PRO A 69 15.50 10.10 9.27
C PRO A 69 14.88 8.83 9.82
N ILE A 70 13.82 8.36 9.15
CA ILE A 70 13.07 7.20 9.62
C ILE A 70 12.77 6.26 8.46
N GLY A 71 12.63 6.82 7.26
CA GLY A 71 12.31 6.00 6.10
C GLY A 71 12.68 6.68 4.81
N SER A 72 12.55 5.93 3.72
CA SER A 72 12.88 6.43 2.40
C SER A 72 12.17 5.56 1.36
N GLY A 73 11.24 6.15 0.62
CA GLY A 73 10.55 5.43 -0.43
C GLY A 73 11.16 5.73 -1.79
N ALA A 74 10.30 6.05 -2.77
CA ALA A 74 10.75 6.42 -4.10
C ALA A 74 10.33 7.83 -4.52
N GLN A 75 9.36 8.43 -3.83
CA GLN A 75 8.89 9.77 -4.16
C GLN A 75 9.46 10.85 -3.25
N GLY A 76 10.17 10.48 -2.20
CA GLY A 76 10.74 11.47 -1.31
C GLY A 76 11.39 10.83 -0.11
N ILE A 77 11.95 11.69 0.75
CA ILE A 77 12.64 11.29 1.96
C ILE A 77 11.77 11.68 3.15
N VAL A 78 11.67 10.78 4.12
CA VAL A 78 10.78 10.95 5.27
C VAL A 78 11.62 11.15 6.53
N CYS A 79 11.18 12.07 7.38
CA CYS A 79 11.86 12.37 8.63
C CYS A 79 10.86 12.45 9.76
N ALA A 80 11.30 12.06 10.96
CA ALA A 80 10.54 12.31 12.18
C ALA A 80 11.00 13.61 12.80
N ALA A 81 10.07 14.28 13.49
CA ALA A 81 10.38 15.56 14.12
C ALA A 81 9.36 15.83 15.21
N TYR A 82 9.67 16.84 16.02
CA TYR A 82 8.78 17.29 17.09
C TYR A 82 8.10 18.57 16.65
N ASP A 83 6.76 18.54 16.59
CA ASP A 83 5.98 19.74 16.27
C ASP A 83 5.78 20.54 17.54
N ALA A 84 6.47 21.68 17.65
CA ALA A 84 6.38 22.49 18.86
C ALA A 84 5.03 23.20 18.98
N VAL A 85 4.25 23.27 17.90
CA VAL A 85 2.94 23.90 17.98
C VAL A 85 1.91 22.91 18.52
N LEU A 86 1.84 21.73 17.91
CA LEU A 86 0.86 20.72 18.31
C LEU A 86 1.32 19.89 19.49
N ASP A 87 2.57 20.04 19.93
CA ASP A 87 3.14 19.29 21.05
C ASP A 87 2.99 17.79 20.83
N ARG A 88 3.50 17.34 19.68
CA ARG A 88 3.47 15.93 19.32
C ARG A 88 4.53 15.68 18.26
N ASN A 89 4.85 14.40 18.07
CA ASN A 89 5.83 13.99 17.07
C ASN A 89 5.14 13.75 15.74
N VAL A 90 5.78 14.21 14.67
CA VAL A 90 5.21 14.15 13.32
C VAL A 90 6.22 13.50 12.38
N ALA A 91 5.72 13.10 11.21
CA ALA A 91 6.55 12.56 10.14
C ALA A 91 6.45 13.50 8.93
N ILE A 92 7.60 13.93 8.42
CA ILE A 92 7.66 14.91 7.35
C ILE A 92 8.30 14.26 6.13
N LYS A 93 7.58 14.26 5.01
CA LYS A 93 8.07 13.75 3.74
C LYS A 93 8.32 14.91 2.79
N LYS A 94 9.46 14.89 2.13
CA LYS A 94 9.87 15.97 1.23
C LYS A 94 9.83 15.47 -0.20
N LEU A 95 8.98 16.08 -1.02
CA LEU A 95 8.87 15.77 -2.45
C LEU A 95 9.72 16.79 -3.21
N SER A 96 10.85 16.33 -3.74
CA SER A 96 11.79 17.21 -4.44
C SER A 96 11.32 17.40 -5.88
N ARG A 97 10.80 18.59 -6.19
CA ARG A 97 10.36 18.99 -7.52
C ARG A 97 9.50 17.91 -8.17
N PRO A 98 8.29 17.69 -7.67
CA PRO A 98 7.47 16.58 -8.20
C PRO A 98 6.98 16.80 -9.62
N PHE A 99 7.06 18.03 -10.14
CA PHE A 99 6.63 18.34 -11.49
C PHE A 99 7.69 18.02 -12.54
N GLN A 100 8.80 17.39 -12.14
CA GLN A 100 9.92 17.22 -13.06
C GLN A 100 9.59 16.25 -14.20
N ASN A 101 8.67 15.32 -13.98
CA ASN A 101 8.22 14.43 -15.04
C ASN A 101 6.77 14.06 -14.79
N GLN A 102 6.19 13.35 -15.77
CA GLN A 102 4.77 12.99 -15.68
C GLN A 102 4.50 12.00 -14.56
N THR A 103 5.39 11.03 -14.36
CA THR A 103 5.17 10.02 -13.34
C THR A 103 5.16 10.64 -11.95
N HIS A 104 6.13 11.51 -11.66
CA HIS A 104 6.18 12.16 -10.35
C HIS A 104 5.01 13.13 -10.19
N ALA A 105 4.65 13.85 -11.25
CA ALA A 105 3.60 14.85 -11.14
C ALA A 105 2.22 14.22 -11.02
N LYS A 106 1.97 13.15 -11.76
CA LYS A 106 0.68 12.47 -11.66
C LYS A 106 0.46 11.91 -10.27
N ARG A 107 1.51 11.33 -9.67
CA ARG A 107 1.37 10.74 -8.34
C ARG A 107 1.26 11.81 -7.27
N ALA A 108 2.07 12.87 -7.37
CA ALA A 108 2.03 13.93 -6.37
C ALA A 108 0.68 14.64 -6.37
N TYR A 109 0.19 15.01 -7.56
CA TYR A 109 -1.10 15.69 -7.65
C TYR A 109 -2.23 14.79 -7.17
N ARG A 110 -2.12 13.49 -7.44
CA ARG A 110 -3.15 12.54 -7.02
C ARG A 110 -3.27 12.51 -5.50
N GLU A 111 -2.19 12.12 -4.82
CA GLU A 111 -2.24 11.96 -3.38
C GLU A 111 -2.37 13.28 -2.63
N LEU A 112 -2.07 14.40 -3.28
CA LEU A 112 -2.26 15.69 -2.63
C LEU A 112 -3.73 16.07 -2.55
N VAL A 113 -4.53 15.62 -3.52
CA VAL A 113 -5.95 15.93 -3.53
C VAL A 113 -6.73 14.94 -2.65
N LEU A 114 -6.37 13.65 -2.72
CA LEU A 114 -7.14 12.63 -2.04
C LEU A 114 -6.96 12.70 -0.52
N MET A 115 -5.84 13.24 -0.05
CA MET A 115 -5.56 13.21 1.38
C MET A 115 -6.30 14.32 2.12
N LYS A 116 -6.83 15.31 1.41
CA LYS A 116 -7.80 16.24 1.96
C LYS A 116 -9.22 15.89 1.56
N CYS A 117 -9.39 14.86 0.73
CA CYS A 117 -10.71 14.41 0.28
C CYS A 117 -11.19 13.15 1.00
N VAL A 118 -10.28 12.33 1.52
CA VAL A 118 -10.61 11.07 2.16
C VAL A 118 -10.05 11.08 3.58
N ASN A 119 -10.88 10.73 4.55
CA ASN A 119 -10.44 10.57 5.93
C ASN A 119 -10.88 9.20 6.44
N HIS A 120 -10.06 8.65 7.35
CA HIS A 120 -10.31 7.35 7.95
C HIS A 120 -9.25 7.10 9.00
N LYS A 121 -9.58 6.24 9.96
CA LYS A 121 -8.60 5.87 10.97
C LYS A 121 -7.49 5.01 10.39
N ASN A 122 -7.77 4.26 9.34
CA ASN A 122 -6.79 3.38 8.71
C ASN A 122 -6.21 3.96 7.43
N ILE A 123 -6.68 5.12 6.99
CA ILE A 123 -6.07 5.86 5.90
C ILE A 123 -5.40 7.09 6.48
N ILE A 124 -4.11 7.26 6.17
CA ILE A 124 -3.35 8.33 6.79
C ILE A 124 -3.95 9.68 6.39
N SER A 125 -3.89 10.64 7.32
CA SER A 125 -4.47 11.96 7.12
C SER A 125 -3.37 13.01 7.07
N LEU A 126 -3.68 14.12 6.41
CA LEU A 126 -2.78 15.25 6.26
C LEU A 126 -2.84 16.17 7.49
N LEU A 127 -1.68 16.48 8.04
CA LEU A 127 -1.56 17.42 9.15
C LEU A 127 -1.20 18.83 8.70
N ASN A 128 -0.30 18.96 7.72
CA ASN A 128 0.09 20.27 7.22
C ASN A 128 0.84 20.10 5.91
N VAL A 129 0.63 21.04 4.99
CA VAL A 129 1.38 21.11 3.74
C VAL A 129 2.03 22.48 3.65
N PHE A 130 3.24 22.54 3.11
CA PHE A 130 3.93 23.81 2.96
C PHE A 130 5.08 23.64 1.97
N THR A 131 5.49 24.76 1.39
CA THR A 131 6.70 24.87 0.61
C THR A 131 7.50 26.05 1.10
N PRO A 132 8.82 25.90 1.25
CA PRO A 132 9.65 27.04 1.70
C PRO A 132 9.73 28.16 0.68
N GLN A 133 9.33 27.92 -0.56
CA GLN A 133 9.39 28.92 -1.61
C GLN A 133 8.13 29.76 -1.61
N LYS A 134 8.27 31.02 -2.03
CA LYS A 134 7.23 32.03 -1.86
C LYS A 134 6.33 32.22 -3.07
N THR A 135 6.85 32.06 -4.28
CA THR A 135 6.07 32.28 -5.49
C THR A 135 6.06 31.02 -6.35
N LEU A 136 5.26 31.07 -7.42
CA LEU A 136 5.16 29.94 -8.33
C LEU A 136 6.46 29.75 -9.11
N GLU A 137 7.13 30.85 -9.46
CA GLU A 137 8.37 30.75 -10.23
C GLU A 137 9.48 30.10 -9.41
N GLU A 138 9.59 30.46 -8.13
CA GLU A 138 10.61 29.88 -7.27
C GLU A 138 10.21 28.51 -6.70
N PHE A 139 8.96 28.10 -6.89
CA PHE A 139 8.43 26.88 -6.30
C PHE A 139 9.33 25.69 -6.62
N GLN A 140 9.66 24.91 -5.59
CA GLN A 140 10.57 23.78 -5.75
C GLN A 140 10.03 22.52 -5.11
N ASP A 141 9.95 22.49 -3.77
CA ASP A 141 9.67 21.26 -3.04
C ASP A 141 8.36 21.37 -2.26
N VAL A 142 7.77 20.21 -2.00
CA VAL A 142 6.54 20.09 -1.21
C VAL A 142 6.84 19.20 -0.01
N TYR A 143 6.43 19.66 1.17
CA TYR A 143 6.61 18.91 2.41
C TYR A 143 5.25 18.48 2.93
N LEU A 144 5.10 17.18 3.17
CA LEU A 144 3.88 16.61 3.71
C LEU A 144 4.12 16.19 5.16
N VAL A 145 3.23 16.60 6.05
CA VAL A 145 3.34 16.32 7.48
C VAL A 145 2.20 15.39 7.87
N MET A 146 2.54 14.29 8.53
CA MET A 146 1.53 13.36 9.04
C MET A 146 1.94 12.90 10.43
N GLU A 147 0.97 12.30 11.13
CA GLU A 147 1.20 11.78 12.47
C GLU A 147 2.27 10.68 12.44
N LEU A 148 3.23 10.79 13.35
CA LEU A 148 4.36 9.86 13.34
C LEU A 148 3.93 8.49 13.80
N MET A 149 4.40 7.46 13.09
CA MET A 149 4.16 6.07 13.43
C MET A 149 5.46 5.47 14.00
N ASP A 150 5.43 4.16 14.24
CA ASP A 150 6.53 3.49 14.93
C ASP A 150 7.37 2.59 14.03
N ALA A 151 6.79 1.99 13.00
CA ALA A 151 7.54 1.08 12.15
C ALA A 151 6.80 0.88 10.83
N ASN A 152 7.52 0.31 9.88
CA ASN A 152 6.96 -0.12 8.60
C ASN A 152 6.42 -1.54 8.72
N LEU A 153 5.52 -1.90 7.79
CA LEU A 153 4.98 -3.25 7.79
C LEU A 153 6.03 -4.28 7.41
N CYS A 154 7.10 -3.87 6.71
CA CYS A 154 8.19 -4.79 6.44
C CYS A 154 8.89 -5.22 7.71
N GLN A 155 9.04 -4.30 8.67
CA GLN A 155 9.65 -4.66 9.95
C GLN A 155 8.74 -5.56 10.78
N VAL A 156 7.43 -5.46 10.60
CA VAL A 156 6.49 -6.28 11.36
C VAL A 156 6.42 -7.68 10.76
N ILE A 157 6.52 -7.80 9.44
CA ILE A 157 6.48 -9.11 8.79
C ILE A 157 7.66 -9.96 9.24
N GLN A 158 8.82 -9.32 9.47
CA GLN A 158 9.99 -10.05 9.94
C GLN A 158 9.80 -10.62 11.34
N MET A 159 8.80 -10.14 12.08
CA MET A 159 8.56 -10.61 13.43
C MET A 159 7.57 -11.77 13.44
N GLU A 160 7.55 -12.49 14.57
CA GLU A 160 6.59 -13.56 14.80
C GLU A 160 5.43 -12.98 15.61
N LEU A 161 4.22 -13.07 15.06
CA LEU A 161 3.05 -12.48 15.68
C LEU A 161 2.05 -13.56 16.06
N ASP A 162 1.30 -13.30 17.13
CA ASP A 162 0.23 -14.19 17.54
C ASP A 162 -0.98 -14.01 16.61
N HIS A 163 -2.04 -14.77 16.88
CA HIS A 163 -3.23 -14.67 16.05
C HIS A 163 -4.01 -13.39 16.35
N GLU A 164 -3.87 -12.84 17.55
CA GLU A 164 -4.57 -11.61 17.89
C GLU A 164 -4.07 -10.43 17.06
N ARG A 165 -2.74 -10.26 17.00
CA ARG A 165 -2.18 -9.12 16.30
C ARG A 165 -2.21 -9.29 14.78
N MET A 166 -2.01 -10.51 14.29
CA MET A 166 -2.13 -10.75 12.85
C MET A 166 -3.54 -10.46 12.36
N SER A 167 -4.55 -10.96 13.09
CA SER A 167 -5.93 -10.71 12.71
C SER A 167 -6.29 -9.23 12.82
N TYR A 168 -5.71 -8.53 13.80
CA TYR A 168 -6.04 -7.11 13.96
C TYR A 168 -5.44 -6.27 12.84
N LEU A 169 -4.19 -6.54 12.47
CA LEU A 169 -3.57 -5.82 11.36
C LEU A 169 -4.32 -6.09 10.06
N LEU A 170 -4.72 -7.34 9.83
CA LEU A 170 -5.49 -7.67 8.64
C LEU A 170 -6.87 -7.05 8.68
N TYR A 171 -7.43 -6.84 9.87
CA TYR A 171 -8.73 -6.19 9.98
C TYR A 171 -8.63 -4.71 9.63
N GLN A 172 -7.55 -4.06 10.05
CA GLN A 172 -7.39 -2.64 9.77
C GLN A 172 -7.10 -2.38 8.30
N MET A 173 -6.41 -3.30 7.64
CA MET A 173 -6.15 -3.14 6.21
C MET A 173 -7.44 -3.19 5.39
N LEU A 174 -8.34 -4.12 5.74
CA LEU A 174 -9.59 -4.23 5.01
C LEU A 174 -10.54 -3.08 5.32
N CYS A 175 -10.40 -2.46 6.49
CA CYS A 175 -11.24 -1.31 6.83
C CYS A 175 -10.87 -0.11 5.97
N GLY A 176 -9.58 0.20 5.88
CA GLY A 176 -9.15 1.30 5.04
C GLY A 176 -9.35 1.04 3.56
N ILE A 177 -9.20 -0.23 3.15
CA ILE A 177 -9.42 -0.58 1.74
C ILE A 177 -10.88 -0.34 1.36
N LYS A 178 -11.81 -0.74 2.21
CA LYS A 178 -13.22 -0.55 1.91
C LYS A 178 -13.61 0.93 1.91
N HIS A 179 -12.92 1.75 2.70
CA HIS A 179 -13.17 3.18 2.66
C HIS A 179 -12.64 3.78 1.36
N LEU A 180 -11.51 3.27 0.86
CA LEU A 180 -11.04 3.67 -0.45
C LEU A 180 -12.06 3.31 -1.52
N HIS A 181 -12.60 2.08 -1.46
CA HIS A 181 -13.64 1.69 -2.39
C HIS A 181 -14.90 2.51 -2.19
N SER A 182 -15.24 2.81 -0.93
CA SER A 182 -16.42 3.63 -0.66
C SER A 182 -16.28 5.02 -1.25
N ALA A 183 -15.05 5.51 -1.40
CA ALA A 183 -14.78 6.80 -2.01
C ALA A 183 -14.45 6.68 -3.49
N GLY A 184 -14.63 5.50 -4.08
CA GLY A 184 -14.33 5.30 -5.48
C GLY A 184 -12.86 5.25 -5.81
N ILE A 185 -12.04 4.71 -4.90
CA ILE A 185 -10.60 4.63 -5.09
C ILE A 185 -10.19 3.17 -4.96
N ILE A 186 -9.55 2.65 -5.99
CA ILE A 186 -9.02 1.29 -5.99
C ILE A 186 -7.50 1.38 -6.06
N HIS A 187 -6.82 0.62 -5.19
CA HIS A 187 -5.39 0.80 -5.00
C HIS A 187 -4.57 0.09 -6.09
N ARG A 188 -4.59 -1.25 -6.09
CA ARG A 188 -3.92 -2.14 -7.02
C ARG A 188 -2.40 -2.22 -6.82
N ASP A 189 -1.84 -1.47 -5.86
CA ASP A 189 -0.40 -1.51 -5.61
C ASP A 189 -0.12 -1.52 -4.12
N LEU A 190 -0.92 -2.27 -3.35
CA LEU A 190 -0.67 -2.39 -1.91
C LEU A 190 0.61 -3.16 -1.66
N LYS A 191 1.40 -2.70 -0.70
CA LYS A 191 2.68 -3.31 -0.37
C LYS A 191 3.05 -2.92 1.05
N PRO A 192 3.85 -3.73 1.74
CA PRO A 192 4.17 -3.42 3.14
C PRO A 192 4.95 -2.14 3.33
N SER A 193 5.74 -1.72 2.33
CA SER A 193 6.53 -0.50 2.47
C SER A 193 5.66 0.74 2.55
N ASN A 194 4.44 0.69 2.04
CA ASN A 194 3.51 1.82 2.10
C ASN A 194 2.44 1.61 3.16
N ILE A 195 2.73 0.83 4.20
CA ILE A 195 1.83 0.60 5.31
C ILE A 195 2.63 0.76 6.60
N VAL A 196 2.15 1.61 7.50
CA VAL A 196 2.86 1.91 8.74
C VAL A 196 1.98 1.51 9.91
N VAL A 197 2.64 1.13 11.02
CA VAL A 197 1.95 0.68 12.22
C VAL A 197 2.55 1.38 13.44
N LYS A 198 1.82 1.31 14.54
CA LYS A 198 2.27 1.79 15.84
C LYS A 198 2.48 0.62 16.78
N SER A 199 3.02 0.91 17.96
CA SER A 199 3.26 -0.14 18.94
C SER A 199 1.96 -0.71 19.48
N ASP A 200 0.88 0.06 19.45
CA ASP A 200 -0.42 -0.40 19.90
C ASP A 200 -1.21 -1.13 18.82
N CYS A 201 -0.53 -1.59 17.77
CA CYS A 201 -1.07 -2.38 16.66
C CYS A 201 -1.99 -1.58 15.74
N THR A 202 -2.05 -0.26 15.90
CA THR A 202 -2.84 0.56 14.98
C THR A 202 -2.14 0.65 13.62
N LEU A 203 -2.92 0.53 12.55
CA LEU A 203 -2.39 0.44 11.20
C LEU A 203 -2.96 1.55 10.33
N LYS A 204 -2.14 2.03 9.38
CA LYS A 204 -2.57 3.06 8.45
C LYS A 204 -1.89 2.83 7.10
N ILE A 205 -2.62 3.12 6.03
CA ILE A 205 -2.15 2.93 4.65
C ILE A 205 -1.67 4.26 4.11
N LEU A 206 -0.46 4.28 3.54
CA LEU A 206 0.18 5.54 3.19
C LEU A 206 -0.33 6.11 1.86
N ASP A 207 -0.25 5.33 0.79
CA ASP A 207 -0.50 5.85 -0.56
C ASP A 207 -1.87 5.37 -1.07
N PHE A 208 -2.21 5.82 -2.29
CA PHE A 208 -3.53 5.60 -2.87
C PHE A 208 -3.51 4.74 -4.12
N GLY A 209 -2.37 4.20 -4.51
CA GLY A 209 -2.31 3.23 -5.59
C GLY A 209 -1.93 3.84 -6.93
N LEU A 210 -2.18 3.05 -7.98
CA LEU A 210 -1.80 3.41 -9.33
C LEU A 210 -2.85 4.30 -9.98
N ALA A 211 -2.48 4.87 -11.13
CA ALA A 211 -3.37 5.75 -11.88
C ALA A 211 -4.50 4.97 -12.54
N SER A 217 5.08 4.71 -18.30
CA SER A 217 5.57 5.24 -17.03
C SER A 217 7.06 5.00 -16.87
N PHE A 218 7.86 5.63 -17.72
CA PHE A 218 9.31 5.48 -17.66
C PHE A 218 9.86 6.15 -16.41
N MET A 219 10.76 5.46 -15.73
CA MET A 219 11.35 5.94 -14.48
C MET A 219 12.83 6.24 -14.70
N MET A 220 13.19 7.51 -14.53
CA MET A 220 14.58 7.95 -14.63
C MET A 220 15.23 7.94 -13.24
N THR A 221 15.33 6.75 -12.68
CA THR A 221 15.78 6.57 -11.31
C THR A 221 16.45 5.21 -11.18
N PRO A 222 17.41 5.07 -10.26
CA PRO A 222 18.02 3.74 -10.07
C PRO A 222 17.22 2.83 -9.15
N TYR A 223 16.39 3.38 -8.28
CA TYR A 223 15.58 2.58 -7.38
C TYR A 223 14.43 1.93 -8.13
N VAL A 224 14.32 0.60 -8.02
CA VAL A 224 13.29 -0.14 -8.73
C VAL A 224 12.04 -0.21 -7.88
N VAL A 225 10.89 -0.38 -8.54
CA VAL A 225 9.61 -0.49 -7.87
C VAL A 225 9.40 -1.95 -7.48
N THR A 226 8.47 -2.16 -6.54
CA THR A 226 8.15 -3.49 -6.02
C THR A 226 6.83 -3.96 -6.62
N ARG A 227 6.86 -5.11 -7.30
CA ARG A 227 5.68 -5.63 -7.97
C ARG A 227 5.24 -6.99 -7.43
N TYR A 228 5.86 -7.47 -6.35
CA TYR A 228 5.57 -8.81 -5.84
C TYR A 228 4.16 -8.97 -5.30
N TYR A 229 3.44 -7.87 -5.07
CA TYR A 229 2.13 -7.92 -4.43
C TYR A 229 1.00 -7.53 -5.37
N ARG A 230 1.27 -7.35 -6.65
CA ARG A 230 0.24 -6.99 -7.61
C ARG A 230 -0.52 -8.23 -8.07
N ALA A 231 -1.84 -8.07 -8.22
CA ALA A 231 -2.71 -9.18 -8.56
C ALA A 231 -2.40 -9.71 -9.96
N PRO A 232 -2.79 -10.96 -10.25
CA PRO A 232 -2.55 -11.48 -11.60
C PRO A 232 -3.18 -10.64 -12.71
N GLU A 233 -4.36 -10.08 -12.45
CA GLU A 233 -4.99 -9.22 -13.46
C GLU A 233 -4.14 -8.00 -13.76
N VAL A 234 -3.38 -7.52 -12.77
CA VAL A 234 -2.45 -6.41 -13.02
C VAL A 234 -1.19 -6.92 -13.71
N ILE A 235 -0.71 -8.10 -13.29
CA ILE A 235 0.47 -8.69 -13.93
C ILE A 235 0.24 -8.89 -15.42
N LEU A 236 -0.96 -9.32 -15.80
CA LEU A 236 -1.27 -9.66 -17.17
C LEU A 236 -2.12 -8.61 -17.88
N GLY A 237 -2.51 -7.54 -17.19
CA GLY A 237 -3.33 -6.51 -17.79
C GLY A 237 -4.67 -7.02 -18.29
N MET A 238 -5.61 -7.23 -17.36
CA MET A 238 -6.90 -7.81 -17.70
C MET A 238 -8.10 -6.97 -17.27
N GLY A 239 -7.90 -5.88 -16.56
CA GLY A 239 -9.06 -5.23 -15.96
C GLY A 239 -9.39 -5.83 -14.61
N TYR A 240 -9.98 -4.99 -13.75
CA TYR A 240 -10.12 -5.34 -12.35
C TYR A 240 -11.46 -4.86 -11.81
N LYS A 241 -11.74 -5.27 -10.57
CA LYS A 241 -12.86 -4.75 -9.80
C LYS A 241 -12.32 -4.30 -8.46
N GLU A 242 -13.18 -4.28 -7.44
CA GLU A 242 -12.75 -3.86 -6.11
C GLU A 242 -11.79 -4.88 -5.49
N ASN A 243 -12.10 -6.17 -5.64
CA ASN A 243 -11.34 -7.26 -5.01
C ASN A 243 -9.93 -7.43 -5.58
N VAL A 244 -9.41 -6.52 -6.42
CA VAL A 244 -8.04 -6.67 -6.88
C VAL A 244 -7.06 -6.44 -5.74
N ASP A 245 -7.45 -5.64 -4.74
CA ASP A 245 -6.59 -5.40 -3.58
C ASP A 245 -6.60 -6.56 -2.60
N ILE A 246 -7.58 -7.46 -2.70
CA ILE A 246 -7.63 -8.61 -1.81
C ILE A 246 -6.41 -9.52 -2.04
N TRP A 247 -5.99 -9.64 -3.31
CA TRP A 247 -4.80 -10.44 -3.60
C TRP A 247 -3.57 -9.89 -2.88
N SER A 248 -3.37 -8.57 -2.94
CA SER A 248 -2.23 -7.96 -2.27
C SER A 248 -2.26 -8.23 -0.77
N VAL A 249 -3.47 -8.26 -0.19
CA VAL A 249 -3.60 -8.65 1.21
C VAL A 249 -3.14 -10.10 1.40
N GLY A 250 -3.44 -10.96 0.42
CA GLY A 250 -3.05 -12.35 0.52
C GLY A 250 -1.54 -12.54 0.51
N CYS A 251 -0.84 -11.85 -0.38
CA CYS A 251 0.62 -11.95 -0.42
C CYS A 251 1.25 -11.42 0.87
N ILE A 252 0.65 -10.37 1.45
CA ILE A 252 1.15 -9.85 2.72
C ILE A 252 0.88 -10.84 3.84
N MET A 253 -0.35 -11.33 3.92
CA MET A 253 -0.71 -12.29 4.96
C MET A 253 0.12 -13.55 4.86
N GLY A 254 0.37 -14.03 3.64
CA GLY A 254 1.23 -15.18 3.47
C GLY A 254 2.66 -14.90 3.88
N GLU A 255 3.13 -13.67 3.64
CA GLU A 255 4.49 -13.32 4.01
C GLU A 255 4.67 -13.24 5.52
N MET A 256 3.63 -12.81 6.25
CA MET A 256 3.71 -12.81 7.71
C MET A 256 3.87 -14.23 8.25
N VAL A 257 3.30 -15.21 7.56
CA VAL A 257 3.38 -16.61 7.98
C VAL A 257 4.67 -17.26 7.50
N ARG A 258 5.06 -16.99 6.25
CA ARG A 258 6.23 -17.64 5.67
C ARG A 258 7.53 -16.88 5.88
N HIS A 259 7.46 -15.57 6.14
CA HIS A 259 8.64 -14.73 6.30
C HIS A 259 9.52 -14.78 5.06
N LYS A 260 8.87 -14.84 3.90
CA LYS A 260 9.54 -14.87 2.61
C LYS A 260 8.57 -14.33 1.57
N ILE A 261 9.10 -13.61 0.57
CA ILE A 261 8.24 -13.06 -0.47
C ILE A 261 7.58 -14.21 -1.22
N LEU A 262 6.24 -14.17 -1.30
CA LEU A 262 5.50 -15.29 -1.84
C LEU A 262 5.78 -15.49 -3.33
N PHE A 263 5.80 -14.41 -4.10
CA PHE A 263 5.99 -14.47 -5.55
C PHE A 263 7.08 -13.49 -5.96
N PRO A 264 8.34 -13.85 -5.76
CA PRO A 264 9.44 -12.97 -6.15
C PRO A 264 9.75 -13.13 -7.63
N GLY A 265 10.69 -12.31 -8.10
CA GLY A 265 11.10 -12.38 -9.48
C GLY A 265 11.70 -11.09 -10.01
N ARG A 266 12.57 -11.20 -11.02
CA ARG A 266 13.16 -10.02 -11.62
C ARG A 266 12.11 -9.23 -12.40
N ASP A 267 11.20 -9.92 -13.07
CA ASP A 267 10.19 -9.30 -13.92
C ASP A 267 8.88 -10.08 -13.74
N TYR A 268 7.86 -9.66 -14.49
CA TYR A 268 6.60 -10.39 -14.50
C TYR A 268 6.77 -11.81 -15.03
N ILE A 269 7.85 -12.08 -15.77
CA ILE A 269 8.09 -13.42 -16.28
C ILE A 269 8.35 -14.39 -15.13
N ASP A 270 9.22 -14.01 -14.19
CA ASP A 270 9.49 -14.89 -13.06
C ASP A 270 8.34 -14.86 -12.05
N GLN A 271 7.63 -13.73 -11.94
CA GLN A 271 6.58 -13.62 -10.94
C GLN A 271 5.41 -14.54 -11.25
N TRP A 272 4.92 -14.51 -12.49
CA TRP A 272 3.81 -15.37 -12.87
C TRP A 272 4.17 -16.85 -12.74
N ASN A 273 5.45 -17.18 -12.90
CA ASN A 273 5.90 -18.55 -12.69
C ASN A 273 5.67 -18.99 -11.25
N LYS A 274 6.13 -18.17 -10.30
CA LYS A 274 5.97 -18.51 -8.88
C LYS A 274 4.50 -18.55 -8.47
N VAL A 275 3.61 -17.91 -9.23
CA VAL A 275 2.19 -17.96 -8.91
C VAL A 275 1.59 -19.30 -9.29
N ILE A 276 1.83 -19.74 -10.53
CA ILE A 276 1.25 -21.00 -10.98
C ILE A 276 1.99 -22.20 -10.38
N GLU A 277 3.28 -22.05 -10.07
CA GLU A 277 4.02 -23.14 -9.43
C GLU A 277 3.51 -23.42 -8.03
N GLN A 278 2.75 -22.50 -7.43
CA GLN A 278 2.22 -22.66 -6.08
C GLN A 278 0.70 -22.76 -6.06
N LEU A 279 -0.01 -21.85 -6.72
CA LEU A 279 -1.46 -21.89 -6.71
C LEU A 279 -2.02 -22.82 -7.79
N GLY A 280 -1.28 -23.03 -8.87
CA GLY A 280 -1.72 -23.89 -9.94
C GLY A 280 -2.15 -23.10 -11.17
N THR A 281 -2.12 -23.79 -12.30
CA THR A 281 -2.55 -23.18 -13.56
C THR A 281 -4.02 -22.82 -13.47
N PRO A 282 -4.40 -21.59 -13.83
CA PRO A 282 -5.81 -21.19 -13.72
C PRO A 282 -6.71 -21.96 -14.68
N CYS A 283 -8.00 -21.92 -14.38
CA CYS A 283 -9.01 -22.64 -15.13
C CYS A 283 -9.30 -21.94 -16.47
N PRO A 284 -9.86 -22.67 -17.44
CA PRO A 284 -10.08 -22.07 -18.76
C PRO A 284 -11.02 -20.87 -18.76
N GLU A 285 -11.98 -20.81 -17.81
CA GLU A 285 -12.85 -19.64 -17.74
C GLU A 285 -12.04 -18.37 -17.48
N PHE A 286 -11.01 -18.47 -16.63
CA PHE A 286 -10.09 -17.36 -16.44
C PHE A 286 -9.22 -17.14 -17.68
N MET A 287 -8.91 -18.22 -18.40
CA MET A 287 -8.07 -18.11 -19.59
C MET A 287 -8.73 -17.21 -20.65
N LYS A 288 -9.98 -17.50 -20.98
CA LYS A 288 -10.67 -16.77 -22.05
C LYS A 288 -10.85 -15.29 -21.71
N LYS A 289 -10.75 -14.92 -20.44
CA LYS A 289 -10.87 -13.52 -20.06
C LYS A 289 -9.62 -12.71 -20.35
N LEU A 290 -8.57 -13.33 -20.87
CA LEU A 290 -7.33 -12.64 -21.20
C LEU A 290 -7.36 -12.13 -22.63
N GLN A 291 -6.53 -11.13 -22.89
CA GLN A 291 -6.33 -10.68 -24.26
C GLN A 291 -5.64 -11.78 -25.07
N PRO A 292 -5.95 -11.88 -26.36
CA PRO A 292 -5.45 -13.03 -27.15
C PRO A 292 -3.93 -13.16 -27.15
N THR A 293 -3.19 -12.05 -27.12
CA THR A 293 -1.74 -12.12 -27.11
C THR A 293 -1.23 -12.72 -25.79
N VAL A 294 -1.65 -12.14 -24.66
CA VAL A 294 -1.20 -12.64 -23.36
C VAL A 294 -1.85 -13.98 -23.03
N ARG A 295 -3.02 -14.28 -23.61
CA ARG A 295 -3.63 -15.58 -23.41
C ARG A 295 -2.78 -16.70 -24.01
N ASN A 296 -2.16 -16.43 -25.15
CA ASN A 296 -1.33 -17.45 -25.80
C ASN A 296 -0.07 -17.75 -24.98
N TYR A 297 0.60 -16.72 -24.48
CA TYR A 297 1.82 -16.94 -23.69
C TYR A 297 1.52 -17.70 -22.41
N VAL A 298 0.43 -17.33 -21.71
CA VAL A 298 0.12 -17.96 -20.44
C VAL A 298 -0.37 -19.39 -20.65
N GLU A 299 -1.18 -19.61 -21.69
CA GLU A 299 -1.63 -20.97 -22.00
C GLU A 299 -0.48 -21.85 -22.47
N ASN A 300 0.58 -21.27 -23.01
CA ASN A 300 1.73 -22.05 -23.49
C ASN A 300 2.73 -22.37 -22.39
N ARG A 301 2.45 -21.97 -21.15
CA ARG A 301 3.32 -22.32 -20.04
C ARG A 301 3.01 -23.72 -19.55
N PRO A 302 3.97 -24.38 -18.89
CA PRO A 302 3.71 -25.73 -18.37
C PRO A 302 2.57 -25.72 -17.36
N LYS A 303 1.77 -26.79 -17.40
CA LYS A 303 0.62 -26.90 -16.50
C LYS A 303 1.06 -27.38 -15.13
N TYR A 304 0.61 -26.68 -14.09
CA TYR A 304 0.88 -27.04 -12.71
C TYR A 304 -0.42 -27.31 -11.98
N ALA A 305 -0.44 -28.37 -11.18
CA ALA A 305 -1.61 -28.68 -10.37
C ALA A 305 -1.77 -27.74 -9.19
N GLY A 306 -0.68 -27.14 -8.72
CA GLY A 306 -0.74 -26.27 -7.56
C GLY A 306 -0.67 -27.03 -6.26
N LEU A 307 0.12 -26.52 -5.32
CA LEU A 307 0.24 -27.16 -4.02
C LEU A 307 -0.94 -26.77 -3.12
N THR A 308 -1.37 -27.72 -2.29
CA THR A 308 -2.45 -27.44 -1.37
C THR A 308 -2.00 -26.43 -0.32
N PHE A 309 -2.98 -25.79 0.31
CA PHE A 309 -2.71 -24.70 1.24
C PHE A 309 -2.09 -25.19 2.55
N PRO A 310 -2.46 -26.37 3.07
CA PRO A 310 -1.68 -26.94 4.18
C PRO A 310 -0.24 -27.25 3.81
N LYS A 311 0.07 -27.38 2.51
CA LYS A 311 1.45 -27.57 2.08
C LYS A 311 2.17 -26.25 1.84
N LEU A 312 1.48 -25.27 1.26
CA LEU A 312 2.06 -23.95 1.07
C LEU A 312 2.27 -23.25 2.41
N PHE A 313 1.45 -23.57 3.41
CA PHE A 313 1.55 -22.99 4.74
C PHE A 313 1.40 -24.09 5.77
N PRO A 314 2.47 -24.84 6.05
CA PRO A 314 2.37 -25.94 7.00
C PRO A 314 2.03 -25.46 8.41
N ASP A 315 1.59 -26.41 9.23
CA ASP A 315 1.19 -26.10 10.60
C ASP A 315 2.38 -25.64 11.45
N SER A 316 3.60 -26.03 11.07
CA SER A 316 4.77 -25.61 11.84
C SER A 316 5.02 -24.12 11.79
N LEU A 317 4.43 -23.41 10.83
CA LEU A 317 4.55 -21.97 10.72
C LEU A 317 3.49 -21.22 11.50
N PHE A 318 2.58 -21.93 12.16
CA PHE A 318 1.48 -21.30 12.88
C PHE A 318 1.59 -21.61 14.37
N PRO A 319 1.20 -20.67 15.25
CA PRO A 319 1.06 -20.99 16.67
C PRO A 319 0.10 -22.17 16.85
N ALA A 320 0.65 -23.34 17.19
CA ALA A 320 -0.13 -24.56 17.30
C ALA A 320 0.30 -25.31 18.56
N ASP A 321 -0.03 -24.73 19.72
CA ASP A 321 0.23 -25.36 21.01
C ASP A 321 -1.03 -25.61 21.82
N SER A 322 -2.05 -24.77 21.68
CA SER A 322 -3.32 -24.93 22.37
C SER A 322 -4.41 -25.26 21.35
N GLU A 323 -5.61 -25.54 21.88
CA GLU A 323 -6.74 -25.83 21.00
C GLU A 323 -7.26 -24.56 20.33
N HIS A 324 -7.29 -23.44 21.07
CA HIS A 324 -7.68 -22.18 20.47
C HIS A 324 -6.71 -21.77 19.37
N ASN A 325 -5.42 -22.02 19.57
CA ASN A 325 -4.42 -21.71 18.55
C ASN A 325 -4.52 -22.66 17.37
N LYS A 326 -4.93 -23.91 17.60
CA LYS A 326 -5.10 -24.85 16.50
C LYS A 326 -6.24 -24.43 15.58
N LEU A 327 -7.33 -23.93 16.16
CA LEU A 327 -8.47 -23.51 15.35
C LEU A 327 -8.14 -22.27 14.53
N LYS A 328 -7.51 -21.28 15.17
CA LYS A 328 -7.16 -20.04 14.46
C LYS A 328 -6.19 -20.31 13.31
N ALA A 329 -5.32 -21.31 13.45
CA ALA A 329 -4.40 -21.65 12.37
C ALA A 329 -5.16 -22.17 11.16
N SER A 330 -6.26 -22.90 11.38
CA SER A 330 -7.07 -23.37 10.27
C SER A 330 -7.94 -22.26 9.69
N GLN A 331 -8.43 -21.34 10.52
CA GLN A 331 -9.20 -20.21 10.00
C GLN A 331 -8.30 -19.28 9.20
N ALA A 332 -7.06 -19.06 9.66
CA ALA A 332 -6.13 -18.25 8.90
C ALA A 332 -5.84 -18.88 7.55
N ARG A 333 -5.49 -20.17 7.53
CA ARG A 333 -5.25 -20.85 6.27
C ARG A 333 -6.47 -20.82 5.36
N ASP A 334 -7.67 -20.80 5.95
CA ASP A 334 -8.88 -20.72 5.15
C ASP A 334 -9.02 -19.35 4.49
N LEU A 335 -8.64 -18.28 5.20
CA LEU A 335 -8.68 -16.95 4.61
C LEU A 335 -7.62 -16.80 3.52
N LEU A 336 -6.46 -17.43 3.70
CA LEU A 336 -5.47 -17.49 2.65
C LEU A 336 -6.01 -18.19 1.41
N SER A 337 -6.87 -19.21 1.61
CA SER A 337 -7.42 -19.94 0.48
C SER A 337 -8.42 -19.10 -0.30
N LYS A 338 -9.19 -18.25 0.40
CA LYS A 338 -10.17 -17.41 -0.27
C LYS A 338 -9.56 -16.17 -0.90
N MET A 339 -8.40 -15.72 -0.40
CA MET A 339 -7.77 -14.50 -0.89
C MET A 339 -6.77 -14.79 -2.01
N LEU A 340 -5.91 -15.79 -1.84
CA LEU A 340 -4.86 -16.10 -2.82
C LEU A 340 -5.40 -17.05 -3.88
N VAL A 341 -6.20 -16.49 -4.78
CA VAL A 341 -6.73 -17.22 -5.93
C VAL A 341 -6.56 -16.34 -7.17
N ILE A 342 -6.19 -16.97 -8.28
CA ILE A 342 -5.87 -16.21 -9.49
C ILE A 342 -7.12 -15.58 -10.09
N ASP A 343 -8.20 -16.34 -10.17
CA ASP A 343 -9.42 -15.84 -10.80
C ASP A 343 -10.11 -14.81 -9.90
N PRO A 344 -10.37 -13.60 -10.39
CA PRO A 344 -11.05 -12.61 -9.54
C PRO A 344 -12.50 -12.95 -9.27
N ALA A 345 -13.19 -13.61 -10.22
CA ALA A 345 -14.59 -13.93 -10.02
C ALA A 345 -14.80 -14.89 -8.86
N LYS A 346 -13.82 -15.77 -8.62
CA LYS A 346 -13.86 -16.68 -7.47
C LYS A 346 -13.25 -16.07 -6.21
N ARG A 347 -12.60 -14.92 -6.33
CA ARG A 347 -11.88 -14.35 -5.20
C ARG A 347 -12.84 -13.71 -4.20
N ILE A 348 -12.49 -13.84 -2.91
CA ILE A 348 -13.32 -13.27 -1.85
C ILE A 348 -13.25 -11.75 -1.93
N SER A 349 -14.33 -11.10 -1.52
CA SER A 349 -14.42 -9.65 -1.54
C SER A 349 -13.98 -9.06 -0.20
N VAL A 350 -13.86 -7.74 -0.18
CA VAL A 350 -13.46 -7.05 1.04
C VAL A 350 -14.53 -7.19 2.12
N ASP A 351 -15.81 -7.08 1.72
CA ASP A 351 -16.90 -7.20 2.68
C ASP A 351 -16.99 -8.61 3.24
N ASP A 352 -16.79 -9.62 2.39
CA ASP A 352 -16.82 -11.00 2.87
C ASP A 352 -15.62 -11.32 3.75
N ALA A 353 -14.47 -10.70 3.48
CA ALA A 353 -13.28 -10.93 4.30
C ALA A 353 -13.43 -10.32 5.68
N LEU A 354 -14.16 -9.20 5.79
CA LEU A 354 -14.39 -8.60 7.10
C LEU A 354 -15.35 -9.42 7.95
N GLN A 355 -16.15 -10.29 7.33
CA GLN A 355 -17.05 -11.19 8.04
C GLN A 355 -16.47 -12.58 8.21
N HIS A 356 -15.27 -12.83 7.72
CA HIS A 356 -14.64 -14.13 7.87
C HIS A 356 -14.37 -14.39 9.36
N PRO A 357 -14.50 -15.64 9.82
CA PRO A 357 -14.29 -15.93 11.25
C PRO A 357 -12.95 -15.47 11.79
N TYR A 358 -11.90 -15.47 10.97
CA TYR A 358 -10.59 -15.03 11.44
C TYR A 358 -10.51 -13.52 11.64
N ILE A 359 -11.43 -12.76 11.05
CA ILE A 359 -11.37 -11.31 11.05
C ILE A 359 -12.49 -10.69 11.88
N ASN A 360 -13.70 -11.26 11.82
CA ASN A 360 -14.87 -10.60 12.41
C ASN A 360 -14.84 -10.55 13.94
N VAL A 361 -13.77 -11.02 14.58
CA VAL A 361 -13.66 -10.86 16.02
C VAL A 361 -13.40 -9.40 16.40
N TRP A 362 -12.98 -8.59 15.43
CA TRP A 362 -12.79 -7.15 15.62
C TRP A 362 -13.93 -6.34 15.03
N TYR A 363 -15.00 -6.99 14.58
CA TYR A 363 -16.05 -6.31 13.83
C TYR A 363 -16.73 -5.25 14.69
N ASP A 364 -16.80 -4.04 14.16
CA ASP A 364 -17.48 -2.93 14.83
C ASP A 364 -18.06 -1.97 13.81
N PRO A 365 -19.38 -1.76 13.82
CA PRO A 365 -20.02 -1.01 12.71
C PRO A 365 -19.43 0.36 12.46
N ALA A 366 -19.20 1.15 13.52
CA ALA A 366 -18.63 2.48 13.34
C ALA A 366 -17.19 2.43 12.83
N GLU A 367 -16.51 1.30 12.99
CA GLU A 367 -15.13 1.16 12.53
C GLU A 367 -15.02 0.67 11.11
N VAL A 368 -15.96 -0.17 10.65
CA VAL A 368 -15.85 -0.75 9.31
C VAL A 368 -16.07 0.32 8.25
N GLU A 369 -17.24 0.96 8.27
CA GLU A 369 -17.63 1.91 7.23
C GLU A 369 -17.30 3.34 7.63
N ALA A 370 -17.35 4.22 6.64
CA ALA A 370 -17.08 5.65 6.79
C ALA A 370 -17.84 6.39 5.71
N PRO A 371 -18.08 7.70 5.90
CA PRO A 371 -18.89 8.43 4.91
C PRO A 371 -18.19 8.47 3.57
N PRO A 372 -18.96 8.51 2.48
CA PRO A 372 -18.35 8.55 1.15
C PRO A 372 -18.27 9.98 0.63
N PRO A 373 -17.06 10.52 0.47
CA PRO A 373 -16.87 11.89 -0.02
C PRO A 373 -17.10 12.02 -1.52
N GLN A 379 -13.85 16.87 -9.32
CA GLN A 379 -13.99 15.43 -9.35
C GLN A 379 -13.34 14.84 -10.60
N LEU A 380 -12.57 13.76 -10.39
CA LEU A 380 -11.82 13.08 -11.45
C LEU A 380 -10.89 14.03 -12.19
N ASP A 381 -9.62 14.05 -11.78
CA ASP A 381 -8.65 14.95 -12.40
C ASP A 381 -7.51 14.17 -13.05
N GLU A 382 -7.85 13.30 -14.01
CA GLU A 382 -6.87 12.49 -14.72
C GLU A 382 -6.66 13.07 -16.11
N ARG A 383 -5.43 13.48 -16.39
CA ARG A 383 -5.10 14.12 -17.65
C ARG A 383 -3.58 14.04 -17.85
N GLU A 384 -3.10 14.66 -18.91
CA GLU A 384 -1.68 14.75 -19.21
C GLU A 384 -1.33 16.20 -19.48
N HIS A 385 -0.41 16.75 -18.69
CA HIS A 385 -0.01 18.15 -18.80
C HIS A 385 1.50 18.23 -19.03
N THR A 386 1.96 19.46 -19.28
CA THR A 386 3.38 19.73 -19.36
C THR A 386 3.97 19.91 -17.96
N ILE A 387 5.29 20.05 -17.90
CA ILE A 387 5.94 20.23 -16.61
C ILE A 387 5.63 21.60 -16.02
N GLU A 388 5.35 22.59 -16.87
CA GLU A 388 4.94 23.90 -16.37
C GLU A 388 3.49 23.88 -15.91
N GLU A 389 2.61 23.19 -16.66
CA GLU A 389 1.22 23.08 -16.24
C GLU A 389 1.10 22.22 -14.98
N TRP A 390 1.91 21.16 -14.88
CA TRP A 390 1.89 20.34 -13.68
C TRP A 390 2.40 21.10 -12.47
N LYS A 391 3.33 22.03 -12.67
CA LYS A 391 3.85 22.83 -11.57
C LYS A 391 2.76 23.67 -10.93
N GLU A 392 2.01 24.41 -11.75
CA GLU A 392 0.95 25.26 -11.23
C GLU A 392 -0.16 24.43 -10.58
N LEU A 393 -0.49 23.28 -11.18
CA LEU A 393 -1.54 22.43 -10.63
C LEU A 393 -1.17 21.94 -9.23
N ILE A 394 0.10 21.57 -9.04
CA ILE A 394 0.56 21.11 -7.73
C ILE A 394 0.73 22.28 -6.77
N TYR A 395 1.25 23.41 -7.28
CA TYR A 395 1.48 24.57 -6.43
C TYR A 395 0.19 25.10 -5.84
N LYS A 396 -0.88 25.16 -6.64
CA LYS A 396 -2.15 25.67 -6.13
C LYS A 396 -2.78 24.71 -5.14
N GLU A 397 -2.50 23.41 -5.25
CA GLU A 397 -3.00 22.46 -4.26
C GLU A 397 -2.29 22.64 -2.93
N VAL A 398 -1.02 23.02 -2.95
CA VAL A 398 -0.30 23.31 -1.72
C VAL A 398 -0.84 24.58 -1.07
N MET A 399 -1.16 25.59 -1.89
CA MET A 399 -1.69 26.84 -1.35
C MET A 399 -3.11 26.68 -0.85
N ASN A 400 -3.88 25.76 -1.47
CA ASN A 400 -5.26 25.47 -1.09
C ASN A 400 -6.10 26.73 -0.87
#